data_6AN0
#
_entry.id   6AN0
#
_cell.length_a   82.520
_cell.length_b   170.080
_cell.length_c   65.900
_cell.angle_alpha   90.000
_cell.angle_beta   90.000
_cell.angle_gamma   90.000
#
_symmetry.space_group_name_H-M   'C 2 2 21'
#
loop_
_entity.id
_entity.type
_entity.pdbx_description
1 polymer 'Histidinol dehydrogenase'
2 non-polymer 'ZINC ION'
3 non-polymer 1,2-ETHANEDIOL
4 non-polymer 'IODIDE ION'
5 non-polymer HISTIDINE
6 water water
#
_entity_poly.entity_id   1
_entity_poly.type   'polypeptide(L)'
_entity_poly.pdbx_seq_one_letter_code
;MAHHHHHHMQTYINPPLSEWKNLIQRPVQKAEDLQNIVLTVFEDIKNEKDKALINYTKKFDKAYLTDIRVSSDEITAAIA
LVSDELIQAIQMAASNIEKFHASQKENKNIIETTEGVNCWREARPIENIGIYIPGGSAPLFSTVLMLGIPAQLAGCKNIT
LCTPPDESGNINPAILYTANLIGIKNIYKAGGIQAIGAMTFGTETIEKADKIFGPGNQYVTAAKQIAQNFGVAIDMPAGP
SEVLVIADTTANPEFVAADLLSQAEHGADSQVILLTTDENILQQTLMQVENQLTQLPRKSIASQALLQSRGIVLDSIEKC
IAFSNLYAPEHLILAIENTENYTDKITSAGSVFLGNFSCESAGDYASGTNHTLPTNGYARNYSGVSLDSFIKKITFQKVT
KKGIQNIGPGIEKMAEAEELFAHKHAVSVRLKSLNSQNNTLIKDEKF
;
_entity_poly.pdbx_strand_id   A
#
# COMPACT_ATOMS: atom_id res chain seq x y z
N HIS A 4 39.95 -11.60 6.33
CA HIS A 4 39.12 -12.80 6.37
C HIS A 4 37.67 -12.45 6.67
N HIS A 5 37.31 -11.18 6.47
CA HIS A 5 35.98 -10.70 6.79
C HIS A 5 35.01 -10.97 5.65
N HIS A 6 33.81 -11.42 6.00
CA HIS A 6 32.75 -11.73 5.03
C HIS A 6 31.85 -10.50 4.91
N HIS A 7 32.10 -9.67 3.88
CA HIS A 7 31.30 -8.48 3.67
C HIS A 7 29.99 -8.86 2.99
N HIS A 8 28.88 -8.34 3.54
CA HIS A 8 27.54 -8.70 3.07
C HIS A 8 27.01 -7.77 1.99
N MET A 9 27.38 -6.49 2.01
CA MET A 9 26.83 -5.49 1.10
C MET A 9 27.94 -4.90 0.24
N GLN A 10 27.66 -4.76 -1.06
CA GLN A 10 28.60 -4.21 -2.02
C GLN A 10 28.58 -2.69 -1.98
N THR A 11 29.76 -2.08 -2.19
CA THR A 11 29.90 -0.64 -2.07
C THR A 11 30.44 -0.02 -3.35
N TYR A 12 30.07 1.24 -3.57
CA TYR A 12 30.45 2.01 -4.74
C TYR A 12 30.85 3.41 -4.29
N ILE A 13 32.07 3.83 -4.58
CA ILE A 13 32.62 5.08 -4.07
C ILE A 13 32.64 6.10 -5.21
N ASN A 14 31.76 7.10 -5.11
CA ASN A 14 31.64 8.15 -6.12
C ASN A 14 31.45 7.60 -7.53
N PRO A 15 30.38 6.82 -7.76
CA PRO A 15 30.14 6.32 -9.12
C PRO A 15 29.76 7.47 -10.05
N PRO A 16 30.16 7.41 -11.31
CA PRO A 16 29.75 8.46 -12.25
C PRO A 16 28.26 8.41 -12.52
N LEU A 17 27.74 9.52 -13.07
CA LEU A 17 26.34 9.59 -13.41
C LEU A 17 25.94 8.57 -14.47
N SER A 18 26.90 8.08 -15.26
CA SER A 18 26.61 7.10 -16.29
C SER A 18 26.30 5.73 -15.71
N GLU A 19 26.66 5.47 -14.46
CA GLU A 19 26.38 4.19 -13.82
C GLU A 19 25.12 4.19 -12.98
N TRP A 20 24.49 5.35 -12.76
CA TRP A 20 23.32 5.39 -11.89
C TRP A 20 22.19 4.55 -12.44
N LYS A 21 22.02 4.52 -13.77
CA LYS A 21 21.01 3.69 -14.39
C LYS A 21 21.09 2.25 -13.91
N ASN A 22 22.31 1.76 -13.67
CA ASN A 22 22.47 0.39 -13.19
C ASN A 22 22.31 0.29 -11.68
N LEU A 23 22.72 1.31 -10.94
CA LEU A 23 22.68 1.23 -9.48
C LEU A 23 21.27 1.39 -8.91
N ILE A 24 20.30 1.86 -9.69
CA ILE A 24 18.93 1.99 -9.19
C ILE A 24 18.10 0.74 -9.40
N GLN A 25 18.67 -0.31 -10.01
CA GLN A 25 17.89 -1.49 -10.36
C GLN A 25 17.55 -2.34 -9.14
N ARG A 26 16.28 -2.71 -9.01
CA ARG A 26 15.90 -3.72 -8.06
C ARG A 26 16.40 -5.09 -8.55
N PRO A 27 16.46 -6.08 -7.66
CA PRO A 27 16.74 -7.43 -8.14
C PRO A 27 15.63 -7.91 -9.07
N VAL A 28 16.02 -8.74 -10.04
CA VAL A 28 15.04 -9.24 -11.01
C VAL A 28 13.96 -10.02 -10.28
N GLN A 29 12.76 -10.04 -10.85
CA GLN A 29 11.65 -10.81 -10.32
C GLN A 29 11.40 -12.04 -11.18
N LYS A 30 10.63 -12.98 -10.63
CA LYS A 30 10.29 -14.20 -11.35
C LYS A 30 9.43 -13.88 -12.57
N ALA A 31 9.73 -14.55 -13.69
CA ALA A 31 9.06 -14.28 -14.96
C ALA A 31 8.09 -15.39 -15.35
N GLU A 32 7.52 -16.08 -14.37
CA GLU A 32 6.54 -17.12 -14.66
C GLU A 32 5.24 -16.48 -15.17
N ASP A 33 4.66 -17.08 -16.21
CA ASP A 33 3.38 -16.64 -16.75
C ASP A 33 2.29 -17.35 -15.94
N LEU A 34 1.57 -16.58 -15.13
CA LEU A 34 0.56 -17.13 -14.24
C LEU A 34 -0.86 -16.89 -14.75
N GLN A 35 -1.02 -16.35 -15.96
CA GLN A 35 -2.35 -15.97 -16.41
C GLN A 35 -3.29 -17.17 -16.52
N ASN A 36 -2.80 -18.25 -17.13
CA ASN A 36 -3.66 -19.43 -17.28
C ASN A 36 -3.99 -20.02 -15.92
N ILE A 37 -3.01 -19.99 -15.01
CA ILE A 37 -3.21 -20.54 -13.68
C ILE A 37 -4.30 -19.77 -12.93
N VAL A 38 -4.24 -18.43 -13.01
CA VAL A 38 -5.22 -17.58 -12.35
C VAL A 38 -6.60 -17.74 -13.00
N LEU A 39 -6.66 -17.68 -14.33
CA LEU A 39 -7.95 -17.76 -15.01
C LEU A 39 -8.65 -19.08 -14.72
N THR A 40 -7.89 -20.17 -14.59
CA THR A 40 -8.49 -21.46 -14.24
C THR A 40 -9.13 -21.42 -12.86
N VAL A 41 -8.42 -20.84 -11.87
CA VAL A 41 -9.01 -20.72 -10.53
C VAL A 41 -10.26 -19.84 -10.59
N PHE A 42 -10.18 -18.72 -11.30
CA PHE A 42 -11.32 -17.82 -11.42
C PHE A 42 -12.53 -18.53 -12.04
N GLU A 43 -12.30 -19.36 -13.06
CA GLU A 43 -13.40 -20.12 -13.66
C GLU A 43 -14.03 -21.06 -12.64
N ASP A 44 -13.21 -21.74 -11.84
CA ASP A 44 -13.71 -22.61 -10.78
C ASP A 44 -14.51 -21.82 -9.75
N ILE A 45 -14.03 -20.62 -9.37
CA ILE A 45 -14.78 -19.81 -8.41
C ILE A 45 -16.11 -19.38 -9.00
N LYS A 46 -16.11 -18.99 -10.28
CA LYS A 46 -17.35 -18.60 -10.95
C LYS A 46 -18.34 -19.75 -11.02
N ASN A 47 -17.86 -20.96 -11.32
CA ASN A 47 -18.78 -22.08 -11.53
C ASN A 47 -19.16 -22.79 -10.24
N GLU A 48 -18.22 -22.97 -9.31
CA GLU A 48 -18.45 -23.79 -8.14
C GLU A 48 -18.52 -23.01 -6.83
N LYS A 49 -18.18 -21.71 -6.85
CA LYS A 49 -18.36 -20.80 -5.71
C LYS A 49 -17.78 -21.37 -4.41
N ASP A 50 -18.61 -21.47 -3.35
CA ASP A 50 -18.10 -21.93 -2.06
C ASP A 50 -17.42 -23.29 -2.16
N LYS A 51 -17.90 -24.15 -3.06
CA LYS A 51 -17.30 -25.48 -3.17
C LYS A 51 -15.87 -25.37 -3.68
N ALA A 52 -15.63 -24.45 -4.63
CA ALA A 52 -14.27 -24.20 -5.09
C ALA A 52 -13.40 -23.65 -3.97
N LEU A 53 -13.91 -22.68 -3.20
CA LEU A 53 -13.15 -22.16 -2.06
C LEU A 53 -12.71 -23.27 -1.13
N ILE A 54 -13.64 -24.17 -0.78
CA ILE A 54 -13.30 -25.26 0.12
C ILE A 54 -12.31 -26.21 -0.55
N ASN A 55 -12.49 -26.50 -1.85
CA ASN A 55 -11.63 -27.46 -2.53
CA ASN A 55 -11.64 -27.46 -2.51
C ASN A 55 -10.21 -26.94 -2.67
N TYR A 56 -10.06 -25.67 -3.05
CA TYR A 56 -8.73 -25.07 -3.14
C TYR A 56 -8.08 -24.91 -1.77
N THR A 57 -8.88 -24.65 -0.73
CA THR A 57 -8.29 -24.57 0.60
C THR A 57 -7.75 -25.92 1.03
N LYS A 58 -8.51 -26.98 0.75
CA LYS A 58 -8.03 -28.34 1.00
CA LYS A 58 -8.05 -28.34 0.98
C LYS A 58 -6.70 -28.59 0.30
N LYS A 59 -6.58 -28.13 -0.95
CA LYS A 59 -5.41 -28.46 -1.77
C LYS A 59 -4.18 -27.69 -1.33
N PHE A 60 -4.33 -26.38 -1.09
CA PHE A 60 -3.15 -25.55 -0.86
C PHE A 60 -2.88 -25.25 0.61
N ASP A 61 -3.92 -25.14 1.44
CA ASP A 61 -3.73 -24.91 2.86
C ASP A 61 -3.74 -26.20 3.69
N LYS A 62 -4.06 -27.33 3.07
CA LYS A 62 -4.14 -28.62 3.75
C LYS A 62 -5.13 -28.59 4.90
N ALA A 63 -6.21 -27.84 4.76
CA ALA A 63 -7.28 -27.79 5.75
C ALA A 63 -8.60 -28.07 5.04
N TYR A 64 -9.35 -29.04 5.56
CA TYR A 64 -10.67 -29.38 5.03
C TYR A 64 -11.68 -28.68 5.92
N LEU A 65 -12.20 -27.56 5.44
CA LEU A 65 -13.13 -26.76 6.24
C LEU A 65 -14.56 -27.20 6.03
N THR A 66 -15.38 -27.02 7.07
CA THR A 66 -16.83 -27.08 6.92
C THR A 66 -17.42 -25.69 6.70
N ASP A 67 -16.95 -24.70 7.46
CA ASP A 67 -17.43 -23.32 7.34
C ASP A 67 -16.28 -22.43 6.87
N ILE A 68 -16.58 -21.57 5.90
CA ILE A 68 -15.59 -20.61 5.42
C ILE A 68 -15.49 -19.42 6.38
N ARG A 69 -16.59 -19.04 7.02
CA ARG A 69 -16.61 -17.84 7.84
C ARG A 69 -16.13 -18.13 9.25
N VAL A 70 -15.26 -17.25 9.77
CA VAL A 70 -14.84 -17.32 11.17
C VAL A 70 -16.05 -17.07 12.05
N SER A 71 -16.24 -17.92 13.06
CA SER A 71 -17.37 -17.84 13.96
C SER A 71 -17.13 -16.86 15.11
N SER A 72 -18.20 -16.51 15.82
CA SER A 72 -18.04 -15.63 16.97
C SER A 72 -17.30 -16.32 18.11
N ASP A 73 -17.49 -17.63 18.29
CA ASP A 73 -16.70 -18.36 19.30
C ASP A 73 -15.21 -18.31 18.98
N GLU A 74 -14.86 -18.41 17.70
CA GLU A 74 -13.46 -18.30 17.31
C GLU A 74 -12.90 -16.90 17.58
N ILE A 75 -13.69 -15.86 17.34
CA ILE A 75 -13.27 -14.51 17.67
C ILE A 75 -13.06 -14.36 19.18
N THR A 76 -14.00 -14.89 19.97
CA THR A 76 -13.89 -14.81 21.42
C THR A 76 -12.67 -15.60 21.92
N ALA A 77 -12.44 -16.78 21.35
CA ALA A 77 -11.28 -17.57 21.73
C ALA A 77 -9.98 -16.83 21.42
N ALA A 78 -9.94 -16.17 20.26
CA ALA A 78 -8.75 -15.40 19.88
C ALA A 78 -8.50 -14.25 20.85
N ILE A 79 -9.55 -13.51 21.24
CA ILE A 79 -9.36 -12.38 22.13
C ILE A 79 -8.68 -12.80 23.42
N ALA A 80 -9.06 -13.96 23.97
CA ALA A 80 -8.49 -14.43 25.23
C ALA A 80 -7.05 -14.92 25.08
N LEU A 81 -6.55 -15.08 23.85
CA LEU A 81 -5.18 -15.50 23.62
C LEU A 81 -4.23 -14.35 23.34
N VAL A 82 -4.70 -13.11 23.43
CA VAL A 82 -3.86 -11.93 23.19
C VAL A 82 -3.55 -11.30 24.55
N SER A 83 -2.26 -11.08 24.81
CA SER A 83 -1.82 -10.59 26.10
C SER A 83 -2.28 -9.15 26.34
N ASP A 84 -2.36 -8.77 27.62
CA ASP A 84 -2.77 -7.42 27.95
C ASP A 84 -1.79 -6.38 27.40
N GLU A 85 -0.49 -6.68 27.42
CA GLU A 85 0.49 -5.71 26.93
C GLU A 85 0.40 -5.52 25.41
N LEU A 86 0.10 -6.60 24.68
CA LEU A 86 -0.08 -6.45 23.24
C LEU A 86 -1.37 -5.69 22.92
N ILE A 87 -2.44 -5.98 23.67
CA ILE A 87 -3.70 -5.25 23.50
C ILE A 87 -3.47 -3.76 23.63
N GLN A 88 -2.71 -3.35 24.67
CA GLN A 88 -2.45 -1.94 24.89
C GLN A 88 -1.66 -1.34 23.72
N ALA A 89 -0.67 -2.09 23.21
CA ALA A 89 0.13 -1.59 22.10
C ALA A 89 -0.71 -1.45 20.83
N ILE A 90 -1.57 -2.42 20.56
CA ILE A 90 -2.40 -2.35 19.36
C ILE A 90 -3.37 -1.18 19.44
N GLN A 91 -3.93 -0.93 20.63
CA GLN A 91 -4.84 0.20 20.78
C GLN A 91 -4.11 1.52 20.61
N MET A 92 -2.87 1.61 21.11
CA MET A 92 -2.05 2.80 20.91
C MET A 92 -1.82 3.05 19.42
N ALA A 93 -1.45 1.99 18.69
CA ALA A 93 -1.25 2.13 17.24
C ALA A 93 -2.55 2.53 16.55
N ALA A 94 -3.66 1.88 16.88
CA ALA A 94 -4.93 2.16 16.22
C ALA A 94 -5.34 3.62 16.42
N SER A 95 -5.12 4.15 17.62
CA SER A 95 -5.47 5.54 17.90
CA SER A 95 -5.49 5.54 17.88
C SER A 95 -4.70 6.49 17.00
N ASN A 96 -3.40 6.25 16.84
CA ASN A 96 -2.57 7.14 16.03
C ASN A 96 -2.92 7.05 14.56
N ILE A 97 -3.11 5.81 14.06
CA ILE A 97 -3.54 5.62 12.68
C ILE A 97 -4.89 6.29 12.44
N GLU A 98 -5.83 6.12 13.37
CA GLU A 98 -7.15 6.73 13.19
C GLU A 98 -7.03 8.25 13.17
N LYS A 99 -6.24 8.81 14.07
CA LYS A 99 -6.12 10.26 14.14
C LYS A 99 -5.55 10.84 12.85
N PHE A 100 -4.49 10.22 12.32
CA PHE A 100 -3.87 10.76 11.11
C PHE A 100 -4.75 10.60 9.89
N HIS A 101 -5.44 9.45 9.74
CA HIS A 101 -6.27 9.28 8.55
C HIS A 101 -7.56 10.09 8.64
N ALA A 102 -8.06 10.33 9.86
CA ALA A 102 -9.24 11.18 9.97
C ALA A 102 -8.93 12.60 9.51
N SER A 103 -7.68 13.05 9.66
CA SER A 103 -7.31 14.42 9.29
C SER A 103 -7.33 14.62 7.78
N GLN A 104 -7.37 13.53 7.01
CA GLN A 104 -7.34 13.61 5.55
C GLN A 104 -8.70 13.92 4.95
N LYS A 105 -9.75 13.96 5.76
CA LYS A 105 -11.08 14.31 5.25
C LYS A 105 -11.08 15.77 4.81
N GLU A 106 -11.67 16.04 3.65
CA GLU A 106 -11.70 17.38 3.09
C GLU A 106 -13.02 18.07 3.41
N ASN A 107 -12.99 19.39 3.45
CA ASN A 107 -14.20 20.18 3.63
C ASN A 107 -14.81 20.52 2.27
N LYS A 108 -16.14 20.53 2.22
CA LYS A 108 -16.83 20.94 1.01
C LYS A 108 -16.51 22.39 0.70
N ASN A 109 -16.21 22.67 -0.55
CA ASN A 109 -15.70 23.98 -0.95
C ASN A 109 -16.38 24.37 -2.27
N ILE A 110 -17.42 25.19 -2.18
CA ILE A 110 -18.17 25.56 -3.38
C ILE A 110 -17.43 26.65 -4.14
N ILE A 111 -17.12 26.38 -5.40
CA ILE A 111 -16.33 27.26 -6.26
C ILE A 111 -17.28 27.91 -7.25
N GLU A 112 -17.29 29.24 -7.29
CA GLU A 112 -18.05 29.92 -8.35
C GLU A 112 -17.07 30.18 -9.47
N THR A 113 -17.08 29.33 -10.50
CA THR A 113 -16.08 29.46 -11.55
C THR A 113 -16.33 30.70 -12.39
N THR A 114 -17.59 31.02 -12.61
CA THR A 114 -18.01 32.22 -13.32
C THR A 114 -19.43 32.50 -12.83
N GLU A 115 -19.93 33.71 -13.12
CA GLU A 115 -21.21 34.11 -12.55
C GLU A 115 -22.30 33.08 -12.84
N GLY A 116 -22.95 32.59 -11.79
CA GLY A 116 -24.06 31.65 -11.94
C GLY A 116 -23.66 30.20 -12.16
N VAL A 117 -22.40 29.85 -11.94
CA VAL A 117 -21.92 28.49 -12.15
C VAL A 117 -21.18 28.09 -10.89
N ASN A 118 -21.76 27.19 -10.10
CA ASN A 118 -21.17 26.71 -8.86
C ASN A 118 -20.80 25.25 -9.01
N CYS A 119 -19.54 24.91 -8.69
CA CYS A 119 -19.00 23.56 -8.81
C CYS A 119 -18.35 23.14 -7.50
N TRP A 120 -18.43 21.85 -7.17
CA TRP A 120 -17.74 21.37 -5.98
C TRP A 120 -17.60 19.86 -6.08
N ARG A 121 -16.86 19.30 -5.12
CA ARG A 121 -16.73 17.86 -5.00
C ARG A 121 -17.18 17.41 -3.62
N GLU A 122 -17.63 16.15 -3.55
CA GLU A 122 -17.94 15.49 -2.29
C GLU A 122 -17.44 14.06 -2.34
N ALA A 123 -16.96 13.58 -1.21
CA ALA A 123 -16.52 12.19 -1.09
C ALA A 123 -17.69 11.28 -0.77
N ARG A 124 -17.63 10.06 -1.30
CA ARG A 124 -18.58 9.01 -0.97
C ARG A 124 -17.75 7.74 -0.83
N PRO A 125 -18.09 6.87 0.11
CA PRO A 125 -17.30 5.64 0.28
C PRO A 125 -17.47 4.69 -0.89
N ILE A 126 -16.40 3.94 -1.17
CA ILE A 126 -16.54 2.73 -1.96
C ILE A 126 -17.26 1.71 -1.09
N GLU A 127 -18.38 1.17 -1.60
CA GLU A 127 -19.33 0.49 -0.73
C GLU A 127 -18.78 -0.84 -0.21
N ASN A 128 -18.14 -1.64 -1.07
CA ASN A 128 -17.69 -2.98 -0.72
C ASN A 128 -16.18 -3.07 -0.82
N ILE A 129 -15.53 -3.32 0.30
CA ILE A 129 -14.07 -3.32 0.41
C ILE A 129 -13.62 -4.74 0.73
N GLY A 130 -12.62 -5.23 0.00
CA GLY A 130 -12.00 -6.52 0.30
C GLY A 130 -10.55 -6.32 0.74
N ILE A 131 -10.17 -7.02 1.83
CA ILE A 131 -8.82 -6.93 2.38
C ILE A 131 -8.24 -8.33 2.39
N TYR A 132 -7.05 -8.50 1.81
CA TYR A 132 -6.32 -9.75 1.84
C TYR A 132 -5.16 -9.66 2.83
N ILE A 133 -5.04 -10.65 3.72
CA ILE A 133 -3.98 -10.69 4.71
C ILE A 133 -3.28 -12.04 4.60
N PRO A 134 -2.00 -12.10 4.22
CA PRO A 134 -1.31 -13.40 4.18
C PRO A 134 -1.29 -14.06 5.55
N GLY A 135 -1.18 -15.39 5.55
CA GLY A 135 -1.09 -16.18 6.75
C GLY A 135 0.35 -16.49 7.13
N GLY A 136 0.54 -17.65 7.76
CA GLY A 136 1.84 -18.07 8.24
C GLY A 136 1.92 -17.95 9.76
N SER A 137 3.08 -18.36 10.28
CA SER A 137 3.24 -18.37 11.73
C SER A 137 3.44 -16.98 12.32
N ALA A 138 3.94 -16.01 11.53
CA ALA A 138 4.16 -14.66 12.02
C ALA A 138 3.05 -13.75 11.52
N PRO A 139 2.09 -13.36 12.36
CA PRO A 139 0.93 -12.61 11.86
C PRO A 139 1.29 -11.15 11.63
N LEU A 140 1.18 -10.70 10.38
CA LEU A 140 1.33 -9.27 10.11
C LEU A 140 -0.02 -8.57 10.31
N PHE A 141 -0.47 -8.61 11.57
CA PHE A 141 -1.74 -8.01 11.96
C PHE A 141 -1.73 -6.49 11.87
N SER A 142 -0.54 -5.86 11.83
CA SER A 142 -0.51 -4.40 11.68
C SER A 142 -1.17 -3.97 10.38
N THR A 143 -1.09 -4.80 9.33
CA THR A 143 -1.75 -4.45 8.08
C THR A 143 -3.27 -4.37 8.23
N VAL A 144 -3.84 -5.14 9.17
CA VAL A 144 -5.28 -5.05 9.42
C VAL A 144 -5.63 -3.62 9.86
N LEU A 145 -4.84 -3.04 10.77
CA LEU A 145 -5.08 -1.66 11.19
C LEU A 145 -4.94 -0.70 10.01
N MET A 146 -3.90 -0.88 9.19
CA MET A 146 -3.58 0.07 8.12
C MET A 146 -4.67 0.13 7.06
N LEU A 147 -5.35 -0.97 6.81
CA LEU A 147 -6.38 -1.01 5.77
C LEU A 147 -7.78 -0.92 6.34
N GLY A 148 -8.01 -1.51 7.51
CA GLY A 148 -9.34 -1.49 8.10
C GLY A 148 -9.74 -0.12 8.64
N ILE A 149 -8.79 0.61 9.21
CA ILE A 149 -9.16 1.87 9.88
C ILE A 149 -9.60 2.91 8.86
N PRO A 150 -8.85 3.17 7.77
CA PRO A 150 -9.35 4.17 6.83
C PRO A 150 -10.62 3.73 6.11
N ALA A 151 -10.80 2.42 5.88
CA ALA A 151 -12.07 1.95 5.35
C ALA A 151 -13.23 2.35 6.26
N GLN A 152 -13.07 2.16 7.57
CA GLN A 152 -14.13 2.53 8.49
C GLN A 152 -14.36 4.04 8.49
N LEU A 153 -13.27 4.82 8.49
CA LEU A 153 -13.39 6.27 8.52
C LEU A 153 -14.10 6.81 7.28
N ALA A 154 -13.86 6.18 6.13
CA ALA A 154 -14.51 6.58 4.88
C ALA A 154 -16.00 6.29 4.87
N GLY A 155 -16.49 5.41 5.75
CA GLY A 155 -17.88 5.04 5.74
C GLY A 155 -18.20 3.83 4.88
N CYS A 156 -17.20 3.02 4.55
CA CYS A 156 -17.42 1.80 3.76
C CYS A 156 -18.29 0.82 4.55
N LYS A 157 -19.40 0.40 3.96
CA LYS A 157 -20.42 -0.32 4.71
C LYS A 157 -20.12 -1.80 4.85
N ASN A 158 -19.46 -2.40 3.87
CA ASN A 158 -19.22 -3.85 3.83
C ASN A 158 -17.72 -4.06 3.70
N ILE A 159 -17.05 -4.44 4.79
CA ILE A 159 -15.62 -4.72 4.76
C ILE A 159 -15.42 -6.22 4.95
N THR A 160 -14.75 -6.84 3.98
CA THR A 160 -14.45 -8.26 4.02
C THR A 160 -12.96 -8.44 4.25
N LEU A 161 -12.58 -9.42 5.08
CA LEU A 161 -11.17 -9.77 5.27
C LEU A 161 -11.00 -11.26 5.00
N CYS A 162 -10.12 -11.61 4.06
CA CYS A 162 -9.74 -12.99 3.76
C CYS A 162 -8.32 -13.26 4.23
N THR A 163 -8.12 -14.39 4.90
CA THR A 163 -6.78 -14.77 5.36
C THR A 163 -6.78 -16.29 5.51
N PRO A 164 -5.73 -16.97 5.07
CA PRO A 164 -5.81 -18.44 4.95
C PRO A 164 -5.61 -19.14 6.28
N PRO A 165 -6.29 -20.27 6.49
CA PRO A 165 -6.10 -21.05 7.72
C PRO A 165 -4.81 -21.83 7.72
N ASP A 166 -4.38 -22.21 8.93
CA ASP A 166 -3.32 -23.18 9.02
C ASP A 166 -3.92 -24.58 8.81
N GLU A 167 -3.09 -25.62 8.94
CA GLU A 167 -3.56 -26.96 8.62
C GLU A 167 -4.63 -27.45 9.59
N SER A 168 -4.77 -26.81 10.75
CA SER A 168 -5.82 -27.17 11.69
C SER A 168 -7.07 -26.33 11.52
N GLY A 169 -7.12 -25.46 10.51
CA GLY A 169 -8.25 -24.61 10.27
C GLY A 169 -8.28 -23.29 11.03
N ASN A 170 -7.19 -22.94 11.72
CA ASN A 170 -7.21 -21.78 12.61
C ASN A 170 -6.52 -20.57 11.99
N ILE A 171 -6.94 -19.39 12.45
CA ILE A 171 -6.35 -18.10 12.08
C ILE A 171 -5.62 -17.57 13.31
N ASN A 172 -4.45 -16.95 13.09
CA ASN A 172 -3.67 -16.44 14.21
C ASN A 172 -4.52 -15.51 15.07
N PRO A 173 -4.46 -15.63 16.40
CA PRO A 173 -5.35 -14.83 17.27
C PRO A 173 -5.16 -13.33 17.14
N ALA A 174 -3.94 -12.86 16.88
CA ALA A 174 -3.73 -11.42 16.74
C ALA A 174 -4.44 -10.84 15.53
N ILE A 175 -4.55 -11.61 14.45
CA ILE A 175 -5.31 -11.12 13.30
C ILE A 175 -6.78 -10.95 13.65
N LEU A 176 -7.37 -11.99 14.28
CA LEU A 176 -8.80 -11.93 14.60
C LEU A 176 -9.08 -10.86 15.63
N TYR A 177 -8.24 -10.77 16.67
CA TYR A 177 -8.40 -9.72 17.67
C TYR A 177 -8.39 -8.34 17.01
N THR A 178 -7.39 -8.09 16.17
CA THR A 178 -7.22 -6.76 15.57
C THR A 178 -8.36 -6.44 14.61
N ALA A 179 -8.79 -7.41 13.79
CA ALA A 179 -9.91 -7.13 12.89
C ALA A 179 -11.18 -6.87 13.68
N ASN A 180 -11.43 -7.67 14.72
CA ASN A 180 -12.64 -7.46 15.52
C ASN A 180 -12.60 -6.12 16.25
N LEU A 181 -11.41 -5.71 16.72
CA LEU A 181 -11.24 -4.43 17.41
C LEU A 181 -11.76 -3.27 16.59
N ILE A 182 -11.44 -3.23 15.30
CA ILE A 182 -11.79 -2.08 14.47
C ILE A 182 -13.08 -2.34 13.71
N GLY A 183 -13.81 -3.37 14.12
CA GLY A 183 -15.18 -3.56 13.68
C GLY A 183 -15.38 -4.36 12.42
N ILE A 184 -14.36 -5.08 11.96
CA ILE A 184 -14.53 -5.97 10.82
C ILE A 184 -15.20 -7.24 11.32
N LYS A 185 -16.38 -7.55 10.78
CA LYS A 185 -17.14 -8.71 11.21
C LYS A 185 -17.19 -9.84 10.19
N ASN A 186 -16.85 -9.57 8.93
CA ASN A 186 -16.94 -10.55 7.85
C ASN A 186 -15.51 -11.05 7.57
N ILE A 187 -15.14 -12.14 8.24
CA ILE A 187 -13.79 -12.68 8.17
C ILE A 187 -13.87 -14.10 7.64
N TYR A 188 -13.09 -14.39 6.60
CA TYR A 188 -13.19 -15.64 5.87
C TYR A 188 -11.85 -16.35 5.83
N LYS A 189 -11.90 -17.67 6.05
CA LYS A 189 -10.73 -18.54 5.99
C LYS A 189 -10.46 -18.87 4.53
N ALA A 190 -9.62 -18.06 3.89
CA ALA A 190 -9.33 -18.24 2.46
C ALA A 190 -8.05 -17.50 2.12
N GLY A 191 -7.24 -18.10 1.26
CA GLY A 191 -6.00 -17.47 0.82
C GLY A 191 -5.82 -17.57 -0.68
N GLY A 192 -4.73 -16.96 -1.14
CA GLY A 192 -4.22 -17.20 -2.49
C GLY A 192 -5.14 -16.70 -3.60
N ILE A 193 -4.97 -17.31 -4.78
CA ILE A 193 -5.76 -16.91 -5.94
C ILE A 193 -7.25 -17.07 -5.66
N GLN A 194 -7.63 -18.17 -4.99
CA GLN A 194 -9.04 -18.44 -4.76
C GLN A 194 -9.70 -17.39 -3.86
N ALA A 195 -8.96 -16.84 -2.88
CA ALA A 195 -9.51 -15.75 -2.08
C ALA A 195 -9.74 -14.51 -2.93
N ILE A 196 -8.77 -14.15 -3.77
CA ILE A 196 -8.94 -12.99 -4.65
C ILE A 196 -10.13 -13.21 -5.58
N GLY A 197 -10.27 -14.43 -6.10
CA GLY A 197 -11.38 -14.73 -6.99
C GLY A 197 -12.72 -14.65 -6.28
N ALA A 198 -12.77 -15.12 -5.03
CA ALA A 198 -14.00 -15.02 -4.25
C ALA A 198 -14.41 -13.56 -4.05
N MET A 199 -13.45 -12.68 -3.77
CA MET A 199 -13.80 -11.28 -3.62
C MET A 199 -14.07 -10.60 -4.95
N THR A 200 -13.58 -11.17 -6.05
CA THR A 200 -13.82 -10.58 -7.37
C THR A 200 -15.18 -10.96 -7.92
N PHE A 201 -15.59 -12.22 -7.78
CA PHE A 201 -16.84 -12.67 -8.37
C PHE A 201 -17.94 -12.90 -7.35
N GLY A 202 -17.59 -13.06 -6.08
CA GLY A 202 -18.56 -13.37 -5.05
C GLY A 202 -18.89 -14.85 -5.00
N THR A 203 -19.21 -15.36 -3.82
CA THR A 203 -19.73 -16.71 -3.66
C THR A 203 -20.97 -16.64 -2.78
N GLU A 204 -21.53 -17.81 -2.45
CA GLU A 204 -22.67 -17.83 -1.54
C GLU A 204 -22.32 -17.19 -0.20
N THR A 205 -21.08 -17.35 0.26
CA THR A 205 -20.68 -16.83 1.57
C THR A 205 -20.02 -15.47 1.52
N ILE A 206 -19.34 -15.13 0.42
CA ILE A 206 -18.55 -13.90 0.34
C ILE A 206 -19.19 -13.01 -0.71
N GLU A 207 -19.71 -11.85 -0.30
CA GLU A 207 -20.20 -10.87 -1.24
C GLU A 207 -19.01 -10.23 -1.96
N LYS A 208 -19.18 -9.93 -3.24
CA LYS A 208 -18.04 -9.46 -4.02
C LYS A 208 -17.70 -8.03 -3.65
N ALA A 209 -16.41 -7.74 -3.74
CA ALA A 209 -15.83 -6.45 -3.42
C ALA A 209 -15.86 -5.52 -4.64
N ASP A 210 -15.90 -4.21 -4.37
CA ASP A 210 -15.66 -3.22 -5.41
C ASP A 210 -14.19 -2.90 -5.57
N LYS A 211 -13.41 -3.05 -4.50
CA LYS A 211 -11.98 -2.75 -4.51
C LYS A 211 -11.30 -3.68 -3.51
N ILE A 212 -10.14 -4.23 -3.91
CA ILE A 212 -9.38 -5.19 -3.09
C ILE A 212 -8.05 -4.58 -2.71
N PHE A 213 -7.70 -4.69 -1.43
CA PHE A 213 -6.48 -4.13 -0.84
C PHE A 213 -5.62 -5.23 -0.24
N GLY A 214 -4.30 -5.01 -0.24
CA GLY A 214 -3.39 -5.83 0.53
C GLY A 214 -2.43 -6.62 -0.34
N PRO A 215 -1.13 -6.57 -0.02
CA PRO A 215 -0.15 -7.32 -0.80
C PRO A 215 -0.09 -8.79 -0.42
N GLY A 216 0.52 -9.56 -1.31
CA GLY A 216 0.70 -10.99 -1.10
C GLY A 216 1.79 -11.50 -2.02
N ASN A 217 1.86 -12.81 -2.16
CA ASN A 217 2.93 -13.44 -2.94
C ASN A 217 2.68 -13.26 -4.45
N GLN A 218 3.52 -13.92 -5.25
CA GLN A 218 3.42 -13.80 -6.71
C GLN A 218 2.05 -14.22 -7.22
N TYR A 219 1.44 -15.23 -6.62
CA TYR A 219 0.14 -15.70 -7.09
C TYR A 219 -0.96 -14.71 -6.74
N VAL A 220 -0.93 -14.17 -5.52
CA VAL A 220 -1.92 -13.17 -5.13
C VAL A 220 -1.76 -11.93 -6.00
N THR A 221 -0.50 -11.54 -6.27
CA THR A 221 -0.24 -10.35 -7.07
C THR A 221 -0.81 -10.49 -8.49
N ALA A 222 -0.56 -11.65 -9.12
CA ALA A 222 -1.09 -11.88 -10.46
C ALA A 222 -2.61 -11.93 -10.45
N ALA A 223 -3.19 -12.53 -9.40
CA ALA A 223 -4.64 -12.62 -9.33
C ALA A 223 -5.27 -11.24 -9.22
N LYS A 224 -4.70 -10.36 -8.40
CA LYS A 224 -5.21 -9.00 -8.29
C LYS A 224 -5.08 -8.26 -9.62
N GLN A 225 -3.96 -8.46 -10.32
CA GLN A 225 -3.78 -7.80 -11.61
C GLN A 225 -4.83 -8.26 -12.61
N ILE A 226 -5.10 -9.56 -12.67
CA ILE A 226 -6.06 -10.09 -13.63
C ILE A 226 -7.50 -9.78 -13.20
N ALA A 227 -7.76 -9.74 -11.89
CA ALA A 227 -9.08 -9.41 -11.38
C ALA A 227 -9.56 -8.05 -11.89
N GLN A 228 -8.64 -7.11 -12.06
CA GLN A 228 -9.00 -5.81 -12.65
C GLN A 228 -9.80 -5.95 -13.94
N ASN A 229 -9.48 -6.97 -14.76
CA ASN A 229 -10.17 -7.11 -16.03
C ASN A 229 -11.59 -7.60 -15.89
N PHE A 230 -12.02 -7.96 -14.68
CA PHE A 230 -13.41 -8.33 -14.43
C PHE A 230 -14.15 -7.25 -13.64
N GLY A 231 -13.58 -6.06 -13.56
CA GLY A 231 -14.31 -4.91 -13.04
C GLY A 231 -13.92 -4.45 -11.65
N VAL A 232 -13.10 -5.19 -10.91
CA VAL A 232 -12.76 -4.77 -9.55
C VAL A 232 -11.57 -3.81 -9.60
N ALA A 233 -11.53 -2.85 -8.67
CA ALA A 233 -10.37 -1.98 -8.51
C ALA A 233 -9.39 -2.62 -7.54
N ILE A 234 -8.10 -2.28 -7.65
CA ILE A 234 -7.12 -2.72 -6.67
C ILE A 234 -6.33 -1.52 -6.14
N ASP A 235 -5.67 -1.73 -4.99
CA ASP A 235 -5.01 -0.60 -4.32
C ASP A 235 -3.81 -0.11 -5.11
N MET A 236 -2.88 -0.99 -5.45
CA MET A 236 -1.70 -0.58 -6.18
C MET A 236 -0.97 -1.85 -6.65
N PRO A 237 -0.01 -1.73 -7.58
CA PRO A 237 0.82 -2.90 -7.92
C PRO A 237 1.74 -3.30 -6.79
N ALA A 238 2.24 -4.53 -6.86
CA ALA A 238 2.98 -5.12 -5.75
C ALA A 238 4.45 -5.32 -6.11
N GLY A 239 5.23 -5.60 -5.06
CA GLY A 239 6.63 -5.98 -5.18
C GLY A 239 7.26 -6.09 -3.80
N PRO A 240 8.55 -6.47 -3.74
CA PRO A 240 9.21 -6.58 -2.43
C PRO A 240 9.49 -5.22 -1.81
N SER A 241 9.58 -5.20 -0.49
CA SER A 241 9.77 -3.94 0.23
C SER A 241 11.22 -3.49 0.17
N GLU A 242 11.44 -2.21 0.49
CA GLU A 242 12.75 -1.60 0.26
C GLU A 242 12.88 -0.35 1.12
N VAL A 243 14.12 0.03 1.41
CA VAL A 243 14.40 1.31 2.06
C VAL A 243 15.62 1.92 1.41
N LEU A 244 15.63 3.25 1.33
CA LEU A 244 16.82 4.01 0.99
C LEU A 244 17.08 4.99 2.12
N VAL A 245 18.32 5.00 2.63
CA VAL A 245 18.74 5.89 3.70
C VAL A 245 19.77 6.85 3.14
N ILE A 246 19.64 8.12 3.51
CA ILE A 246 20.64 9.15 3.24
C ILE A 246 21.25 9.57 4.57
N ALA A 247 22.58 9.49 4.69
CA ALA A 247 23.26 9.72 5.96
C ALA A 247 24.45 10.67 5.78
N ASP A 248 24.52 11.70 6.62
CA ASP A 248 25.72 12.55 6.64
C ASP A 248 26.46 12.31 7.95
N THR A 249 27.43 13.19 8.26
CA THR A 249 28.24 13.01 9.46
C THR A 249 27.44 13.10 10.75
N THR A 250 26.21 13.62 10.71
CA THR A 250 25.38 13.68 11.92
C THR A 250 24.55 12.44 12.14
N ALA A 251 24.55 11.50 11.20
CA ALA A 251 23.82 10.27 11.38
C ALA A 251 24.50 9.39 12.43
N ASN A 252 23.71 8.50 13.04
CA ASN A 252 24.23 7.56 14.01
C ASN A 252 24.41 6.22 13.33
N PRO A 253 25.65 5.77 13.10
CA PRO A 253 25.83 4.49 12.37
C PRO A 253 25.13 3.30 13.01
N GLU A 254 25.03 3.26 14.35
CA GLU A 254 24.28 2.18 14.98
C GLU A 254 22.81 2.23 14.58
N PHE A 255 22.24 3.43 14.54
CA PHE A 255 20.83 3.57 14.15
C PHE A 255 20.63 3.20 12.69
N VAL A 256 21.51 3.69 11.81
CA VAL A 256 21.37 3.43 10.38
C VAL A 256 21.47 1.94 10.09
N ALA A 257 22.44 1.26 10.70
CA ALA A 257 22.57 -0.19 10.50
C ALA A 257 21.29 -0.91 10.94
N ALA A 258 20.74 -0.54 12.09
CA ALA A 258 19.52 -1.16 12.57
C ALA A 258 18.35 -0.93 11.63
N ASP A 259 18.25 0.27 11.05
CA ASP A 259 17.20 0.56 10.08
C ASP A 259 17.32 -0.30 8.83
N LEU A 260 18.55 -0.39 8.28
CA LEU A 260 18.78 -1.25 7.13
C LEU A 260 18.39 -2.69 7.46
N LEU A 261 18.81 -3.19 8.62
CA LEU A 261 18.52 -4.59 8.93
C LEU A 261 17.04 -4.80 9.21
N SER A 262 16.34 -3.78 9.70
CA SER A 262 14.90 -3.91 9.88
CA SER A 262 14.90 -3.92 9.89
C SER A 262 14.19 -4.16 8.56
N GLN A 263 14.61 -3.45 7.51
CA GLN A 263 14.02 -3.70 6.19
C GLN A 263 14.48 -5.03 5.61
N ALA A 264 15.77 -5.38 5.79
CA ALA A 264 16.31 -6.59 5.16
C ALA A 264 15.66 -7.86 5.70
N GLU A 265 15.28 -7.88 6.99
CA GLU A 265 14.72 -9.10 7.56
C GLU A 265 13.32 -9.39 7.06
N HIS A 266 12.71 -8.49 6.28
CA HIS A 266 11.35 -8.75 5.78
C HIS A 266 11.31 -9.95 4.83
N GLY A 267 12.30 -10.07 3.97
CA GLY A 267 12.28 -11.09 2.94
C GLY A 267 13.55 -11.11 2.13
N ALA A 268 13.85 -12.27 1.53
CA ALA A 268 15.07 -12.42 0.74
C ALA A 268 15.08 -11.52 -0.48
N ASP A 269 13.91 -11.08 -0.96
CA ASP A 269 13.80 -10.23 -2.14
C ASP A 269 13.77 -8.74 -1.80
N SER A 270 13.79 -8.38 -0.52
CA SER A 270 13.90 -6.98 -0.12
CA SER A 270 13.87 -6.98 -0.17
C SER A 270 15.21 -6.40 -0.60
N GLN A 271 15.26 -5.08 -0.66
CA GLN A 271 16.48 -4.38 -1.06
C GLN A 271 16.67 -3.15 -0.19
N VAL A 272 17.90 -2.90 0.22
CA VAL A 272 18.21 -1.67 0.93
C VAL A 272 19.31 -0.93 0.21
N ILE A 273 19.23 0.41 0.26
CA ILE A 273 20.21 1.30 -0.37
C ILE A 273 20.66 2.29 0.69
N LEU A 274 21.97 2.38 0.90
CA LEU A 274 22.56 3.36 1.81
C LEU A 274 23.38 4.36 0.99
N LEU A 275 23.00 5.64 1.04
CA LEU A 275 23.75 6.73 0.43
C LEU A 275 24.39 7.54 1.54
N THR A 276 25.70 7.74 1.47
CA THR A 276 26.39 8.55 2.48
C THR A 276 27.19 9.65 1.80
N THR A 277 27.42 10.74 2.53
CA THR A 277 28.26 11.81 2.00
C THR A 277 29.74 11.64 2.32
N ASP A 278 30.15 10.64 3.11
CA ASP A 278 31.57 10.31 3.14
C ASP A 278 31.77 8.84 3.50
N GLU A 279 32.97 8.36 3.20
CA GLU A 279 33.28 6.94 3.29
C GLU A 279 33.33 6.46 4.73
N ASN A 280 33.71 7.34 5.67
CA ASN A 280 33.80 6.94 7.06
C ASN A 280 32.44 6.57 7.64
N ILE A 281 31.40 7.31 7.27
CA ILE A 281 30.04 6.94 7.68
C ILE A 281 29.66 5.58 7.11
N LEU A 282 29.99 5.36 5.83
CA LEU A 282 29.71 4.06 5.22
C LEU A 282 30.43 2.94 5.95
N GLN A 283 31.72 3.11 6.21
CA GLN A 283 32.49 2.05 6.87
C GLN A 283 31.97 1.76 8.27
N GLN A 284 31.67 2.81 9.05
CA GLN A 284 31.15 2.59 10.41
C GLN A 284 29.79 1.90 10.38
N THR A 285 28.92 2.30 9.44
CA THR A 285 27.60 1.71 9.35
C THR A 285 27.68 0.24 8.93
N LEU A 286 28.58 -0.09 8.01
CA LEU A 286 28.73 -1.48 7.58
C LEU A 286 29.28 -2.35 8.71
N MET A 287 30.20 -1.81 9.49
CA MET A 287 30.67 -2.54 10.66
C MET A 287 29.53 -2.83 11.62
N GLN A 288 28.65 -1.84 11.83
CA GLN A 288 27.47 -2.05 12.68
C GLN A 288 26.54 -3.10 12.08
N VAL A 289 26.38 -3.08 10.75
CA VAL A 289 25.54 -4.06 10.09
C VAL A 289 26.06 -5.46 10.35
N GLU A 290 27.38 -5.65 10.18
CA GLU A 290 27.95 -6.98 10.37
C GLU A 290 27.76 -7.46 11.81
N ASN A 291 28.02 -6.57 12.79
CA ASN A 291 27.89 -6.95 14.19
C ASN A 291 26.44 -7.23 14.56
N GLN A 292 25.52 -6.37 14.14
CA GLN A 292 24.12 -6.56 14.47
C GLN A 292 23.52 -7.76 13.77
N LEU A 293 23.98 -8.05 12.54
CA LEU A 293 23.42 -9.18 11.79
C LEU A 293 23.57 -10.49 12.56
N THR A 294 24.68 -10.65 13.28
CA THR A 294 24.93 -11.90 14.01
C THR A 294 23.83 -12.19 15.03
N GLN A 295 23.10 -11.19 15.48
CA GLN A 295 22.12 -11.36 16.54
C GLN A 295 20.69 -11.57 16.02
N LEU A 296 20.48 -11.57 14.70
CA LEU A 296 19.13 -11.63 14.15
C LEU A 296 18.67 -13.07 14.04
N PRO A 297 17.54 -13.45 14.64
CA PRO A 297 17.00 -14.78 14.36
C PRO A 297 16.75 -14.99 12.87
N ARG A 298 16.40 -13.94 12.13
CA ARG A 298 16.19 -14.00 10.69
C ARG A 298 17.43 -13.62 9.91
N LYS A 299 18.63 -13.92 10.43
CA LYS A 299 19.85 -13.45 9.79
C LYS A 299 20.00 -14.04 8.39
N SER A 300 19.51 -15.26 8.18
CA SER A 300 19.61 -15.88 6.86
C SER A 300 18.81 -15.08 5.83
N ILE A 301 17.59 -14.70 6.17
CA ILE A 301 16.79 -13.91 5.26
C ILE A 301 17.43 -12.54 5.00
N ALA A 302 17.89 -11.87 6.07
CA ALA A 302 18.48 -10.54 5.87
C ALA A 302 19.76 -10.61 5.04
N SER A 303 20.55 -11.66 5.25
CA SER A 303 21.80 -11.82 4.49
CA SER A 303 21.79 -11.81 4.49
C SER A 303 21.51 -11.99 3.00
N GLN A 304 20.47 -12.74 2.65
CA GLN A 304 20.10 -12.87 1.24
C GLN A 304 19.70 -11.52 0.64
N ALA A 305 18.93 -10.72 1.39
CA ALA A 305 18.57 -9.40 0.88
C ALA A 305 19.79 -8.50 0.77
N LEU A 306 20.75 -8.60 1.69
CA LEU A 306 21.93 -7.75 1.61
C LEU A 306 22.77 -8.04 0.38
N LEU A 307 22.69 -9.25 -0.17
CA LEU A 307 23.48 -9.56 -1.35
C LEU A 307 23.12 -8.63 -2.52
N GLN A 308 21.85 -8.26 -2.62
CA GLN A 308 21.35 -7.39 -3.69
C GLN A 308 21.34 -5.91 -3.29
N SER A 309 21.87 -5.58 -2.12
CA SER A 309 21.85 -4.22 -1.59
C SER A 309 23.14 -3.49 -1.92
N ARG A 310 23.11 -2.15 -1.76
CA ARG A 310 24.22 -1.31 -2.22
C ARG A 310 24.46 -0.19 -1.22
N GLY A 311 25.73 0.05 -0.89
CA GLY A 311 26.15 1.26 -0.21
C GLY A 311 26.94 2.15 -1.16
N ILE A 312 26.54 3.42 -1.24
CA ILE A 312 27.06 4.33 -2.24
C ILE A 312 27.50 5.63 -1.57
N VAL A 313 28.72 6.06 -1.84
CA VAL A 313 29.22 7.36 -1.38
C VAL A 313 29.04 8.37 -2.50
N LEU A 314 28.37 9.48 -2.18
CA LEU A 314 28.16 10.58 -3.09
C LEU A 314 28.52 11.88 -2.37
N ASP A 315 29.09 12.84 -3.08
CA ASP A 315 29.83 13.92 -2.43
C ASP A 315 28.96 15.09 -2.00
N SER A 316 27.63 14.95 -1.99
CA SER A 316 26.77 15.99 -1.43
C SER A 316 25.40 15.41 -1.14
N ILE A 317 24.69 16.05 -0.22
CA ILE A 317 23.30 15.65 0.08
C ILE A 317 22.42 15.88 -1.14
N GLU A 318 22.67 16.97 -1.89
CA GLU A 318 21.83 17.18 -3.06
CA GLU A 318 21.91 17.23 -3.10
C GLU A 318 22.03 16.09 -4.10
N LYS A 319 23.26 15.55 -4.24
CA LYS A 319 23.44 14.41 -5.14
C LYS A 319 22.72 13.17 -4.62
N CYS A 320 22.77 12.95 -3.31
CA CYS A 320 22.05 11.81 -2.73
C CYS A 320 20.56 11.90 -3.01
N ILE A 321 19.97 13.10 -2.84
CA ILE A 321 18.55 13.30 -3.13
C ILE A 321 18.25 13.01 -4.59
N ALA A 322 19.13 13.48 -5.49
CA ALA A 322 18.92 13.24 -6.92
C ALA A 322 18.96 11.75 -7.23
N PHE A 323 19.91 11.02 -6.64
CA PHE A 323 19.88 9.56 -6.78
C PHE A 323 18.59 8.97 -6.24
N SER A 324 18.16 9.44 -5.05
CA SER A 324 16.94 8.89 -4.45
C SER A 324 15.74 9.15 -5.33
N ASN A 325 15.68 10.32 -5.96
CA ASN A 325 14.54 10.66 -6.81
C ASN A 325 14.49 9.78 -8.06
N LEU A 326 15.66 9.38 -8.56
CA LEU A 326 15.70 8.42 -9.68
C LEU A 326 15.30 7.01 -9.22
N TYR A 327 15.68 6.63 -7.99
CA TYR A 327 15.37 5.29 -7.48
C TYR A 327 13.89 5.15 -7.10
N ALA A 328 13.31 6.21 -6.52
CA ALA A 328 11.90 6.29 -6.08
C ALA A 328 11.61 5.23 -5.03
N PRO A 329 12.17 5.38 -3.82
CA PRO A 329 12.09 4.31 -2.83
C PRO A 329 10.72 4.20 -2.15
N GLU A 330 10.36 2.97 -1.78
CA GLU A 330 9.16 2.79 -0.95
C GLU A 330 9.27 3.57 0.36
N HIS A 331 10.40 3.43 1.06
CA HIS A 331 10.68 4.19 2.28
C HIS A 331 11.98 4.97 2.10
N LEU A 332 11.97 6.22 2.55
CA LEU A 332 13.15 7.08 2.50
C LEU A 332 13.46 7.55 3.92
N ILE A 333 14.68 7.30 4.40
CA ILE A 333 15.10 7.80 5.70
C ILE A 333 16.14 8.89 5.49
N LEU A 334 15.86 10.10 5.97
CA LEU A 334 16.80 11.21 5.88
C LEU A 334 17.50 11.34 7.22
N ALA A 335 18.63 10.64 7.37
CA ALA A 335 19.42 10.69 8.60
C ALA A 335 20.46 11.81 8.48
N ILE A 336 19.93 13.03 8.38
CA ILE A 336 20.77 14.19 8.14
C ILE A 336 20.29 15.35 8.99
N GLU A 337 21.18 16.32 9.09
CA GLU A 337 20.93 17.60 9.72
C GLU A 337 19.95 18.43 8.92
N ASN A 338 19.05 19.13 9.62
CA ASN A 338 18.24 20.21 9.05
C ASN A 338 17.41 19.71 7.85
N THR A 339 16.62 18.66 8.08
CA THR A 339 15.86 18.06 6.99
C THR A 339 14.90 19.04 6.35
N GLU A 340 14.46 20.07 7.09
CA GLU A 340 13.53 21.04 6.54
C GLU A 340 14.09 21.77 5.32
N ASN A 341 15.41 21.79 5.16
CA ASN A 341 16.01 22.41 4.00
C ASN A 341 16.02 21.51 2.78
N TYR A 342 15.60 20.25 2.91
CA TYR A 342 15.72 19.26 1.84
C TYR A 342 14.43 18.59 1.42
N THR A 343 13.38 18.60 2.26
CA THR A 343 12.20 17.81 1.93
C THR A 343 11.50 18.32 0.67
N ASP A 344 11.61 19.63 0.37
CA ASP A 344 10.99 20.15 -0.85
C ASP A 344 11.61 19.53 -2.10
N LYS A 345 12.88 19.11 -2.02
CA LYS A 345 13.60 18.53 -3.16
C LYS A 345 13.27 17.06 -3.41
N ILE A 346 12.56 16.40 -2.49
CA ILE A 346 12.15 15.01 -2.69
C ILE A 346 10.97 14.99 -3.66
N THR A 347 11.08 14.20 -4.73
CA THR A 347 10.00 14.18 -5.71
C THR A 347 9.30 12.85 -5.85
N SER A 348 9.95 11.73 -5.50
CA SER A 348 9.29 10.43 -5.46
C SER A 348 9.80 9.66 -4.25
N ALA A 349 8.87 9.27 -3.37
CA ALA A 349 9.12 8.40 -2.22
C ALA A 349 7.78 8.03 -1.63
N GLY A 350 7.62 6.77 -1.21
CA GLY A 350 6.35 6.38 -0.65
C GLY A 350 6.07 7.04 0.70
N SER A 351 7.02 6.93 1.62
CA SER A 351 6.94 7.53 2.95
C SER A 351 8.33 7.96 3.38
N VAL A 352 8.42 9.10 4.08
CA VAL A 352 9.69 9.73 4.41
C VAL A 352 9.82 9.88 5.93
N PHE A 353 11.01 9.57 6.44
CA PHE A 353 11.30 9.59 7.87
C PHE A 353 12.43 10.59 8.13
N LEU A 354 12.23 11.52 9.07
CA LEU A 354 13.10 12.68 9.22
C LEU A 354 13.91 12.64 10.51
N GLY A 355 15.24 12.66 10.37
CA GLY A 355 16.13 12.80 11.51
C GLY A 355 16.40 11.47 12.18
N ASN A 356 17.29 11.50 13.18
CA ASN A 356 17.85 10.27 13.73
C ASN A 356 16.85 9.45 14.56
N PHE A 357 15.75 10.05 15.02
CA PHE A 357 14.85 9.29 15.88
C PHE A 357 13.58 8.83 15.15
N SER A 358 13.52 9.04 13.83
CA SER A 358 12.39 8.59 13.02
C SER A 358 12.78 7.25 12.39
N CYS A 359 12.53 6.15 13.09
CA CYS A 359 12.87 4.87 12.50
C CYS A 359 11.70 4.35 11.66
N GLU A 360 12.02 3.47 10.70
CA GLU A 360 10.97 2.96 9.84
C GLU A 360 9.99 2.08 10.62
N SER A 361 10.48 1.36 11.64
CA SER A 361 9.59 0.55 12.46
C SER A 361 8.45 1.36 13.04
N ALA A 362 8.68 2.64 13.37
CA ALA A 362 7.61 3.46 13.91
C ALA A 362 6.50 3.68 12.88
N GLY A 363 6.87 3.95 11.62
CA GLY A 363 5.86 4.08 10.59
C GLY A 363 5.20 2.75 10.28
N ASP A 364 5.96 1.66 10.33
CA ASP A 364 5.40 0.33 10.12
C ASP A 364 4.27 0.04 11.10
N TYR A 365 4.38 0.52 12.33
CA TYR A 365 3.49 0.07 13.40
C TYR A 365 2.60 1.16 13.97
N ALA A 366 3.13 2.33 14.32
CA ALA A 366 2.43 3.14 15.32
C ALA A 366 2.40 4.65 15.11
N SER A 367 3.22 5.23 14.22
CA SER A 367 3.25 6.70 14.13
C SER A 367 1.92 7.27 13.63
N GLY A 368 1.21 6.53 12.78
CA GLY A 368 -0.06 6.95 12.24
C GLY A 368 -0.10 6.97 10.72
N THR A 369 1.05 7.03 10.06
CA THR A 369 1.09 6.96 8.61
C THR A 369 0.76 5.53 8.16
N ASN A 370 0.50 5.38 6.87
CA ASN A 370 0.13 4.06 6.34
C ASN A 370 1.34 3.32 5.81
N HIS A 371 1.49 2.05 6.20
CA HIS A 371 2.65 1.29 5.74
C HIS A 371 2.40 0.53 4.44
N THR A 372 1.19 0.63 3.88
CA THR A 372 0.87 -0.04 2.60
C THR A 372 1.26 0.92 1.48
N LEU A 373 2.45 0.72 0.92
CA LEU A 373 3.17 1.72 0.15
C LEU A 373 3.68 1.16 -1.17
N PRO A 374 3.83 2.02 -2.18
CA PRO A 374 4.28 1.56 -3.51
C PRO A 374 5.78 1.26 -3.53
N THR A 375 6.11 0.11 -4.04
CA THR A 375 7.47 -0.41 -4.05
C THR A 375 7.94 -0.61 -5.49
N ASN A 376 9.21 -0.98 -5.65
CA ASN A 376 9.77 -1.36 -6.96
C ASN A 376 9.69 -0.20 -7.95
N GLY A 377 9.73 1.03 -7.45
CA GLY A 377 9.66 2.21 -8.29
C GLY A 377 8.26 2.71 -8.55
N TYR A 378 7.23 2.05 -8.05
CA TYR A 378 5.87 2.56 -8.21
C TYR A 378 5.63 3.83 -7.42
N ALA A 379 6.58 4.28 -6.60
CA ALA A 379 6.42 5.61 -6.01
C ALA A 379 6.50 6.70 -7.08
N ARG A 380 6.93 6.37 -8.31
CA ARG A 380 6.88 7.34 -9.40
C ARG A 380 5.47 7.69 -9.81
N ASN A 381 4.49 6.80 -9.59
CA ASN A 381 3.17 7.04 -10.14
C ASN A 381 2.02 6.60 -9.26
N TYR A 382 2.28 6.13 -8.04
CA TYR A 382 1.23 5.81 -7.09
C TYR A 382 1.56 6.42 -5.74
N SER A 383 0.53 6.54 -4.89
CA SER A 383 0.67 6.92 -3.50
C SER A 383 0.52 5.69 -2.59
N GLY A 384 0.94 5.84 -1.35
CA GLY A 384 0.55 4.85 -0.35
C GLY A 384 -0.95 4.90 -0.11
N VAL A 385 -1.48 3.80 0.44
CA VAL A 385 -2.89 3.79 0.81
C VAL A 385 -3.20 4.94 1.77
N SER A 386 -4.34 5.59 1.59
CA SER A 386 -4.78 6.65 2.49
C SER A 386 -6.31 6.68 2.50
N LEU A 387 -6.89 7.66 3.19
CA LEU A 387 -8.34 7.81 3.13
C LEU A 387 -8.83 7.91 1.69
N ASP A 388 -8.06 8.60 0.83
CA ASP A 388 -8.40 8.76 -0.59
C ASP A 388 -8.62 7.42 -1.29
N SER A 389 -7.97 6.35 -0.82
CA SER A 389 -8.05 5.06 -1.49
C SER A 389 -9.42 4.41 -1.34
N PHE A 390 -10.24 4.89 -0.40
CA PHE A 390 -11.46 4.20 -0.04
C PHE A 390 -12.72 4.96 -0.46
N ILE A 391 -12.57 6.05 -1.21
CA ILE A 391 -13.68 6.92 -1.56
C ILE A 391 -13.67 7.17 -3.06
N LYS A 392 -14.80 7.68 -3.54
CA LYS A 392 -14.91 8.33 -4.84
C LYS A 392 -15.18 9.81 -4.58
N LYS A 393 -14.56 10.68 -5.36
CA LYS A 393 -14.81 12.12 -5.27
C LYS A 393 -15.74 12.50 -6.42
N ILE A 394 -17.00 12.75 -6.09
CA ILE A 394 -18.03 13.04 -7.07
C ILE A 394 -18.05 14.56 -7.31
N THR A 395 -18.08 14.97 -8.59
CA THR A 395 -18.20 16.40 -8.87
C THR A 395 -19.67 16.78 -9.05
N PHE A 396 -20.00 17.97 -8.56
CA PHE A 396 -21.35 18.52 -8.58
C PHE A 396 -21.31 19.87 -9.26
N GLN A 397 -22.34 20.19 -10.04
CA GLN A 397 -22.47 21.57 -10.46
C GLN A 397 -23.93 21.99 -10.51
N LYS A 398 -24.16 23.27 -10.21
CA LYS A 398 -25.47 23.88 -10.28
C LYS A 398 -25.32 25.16 -11.08
N VAL A 399 -25.92 25.20 -12.26
CA VAL A 399 -25.86 26.35 -13.16
C VAL A 399 -27.22 27.04 -13.11
N THR A 400 -27.21 28.36 -12.83
CA THR A 400 -28.44 29.13 -12.77
C THR A 400 -28.84 29.63 -14.16
N LYS A 401 -29.99 30.32 -14.22
CA LYS A 401 -30.42 30.92 -15.49
C LYS A 401 -29.40 31.95 -15.98
N LYS A 402 -28.91 32.81 -15.07
CA LYS A 402 -27.83 33.72 -15.44
C LYS A 402 -26.58 32.95 -15.81
N GLY A 403 -26.29 31.87 -15.09
CA GLY A 403 -25.13 31.05 -15.40
C GLY A 403 -25.14 30.52 -16.82
N ILE A 404 -26.27 29.95 -17.26
CA ILE A 404 -26.30 29.39 -18.61
C ILE A 404 -26.31 30.49 -19.65
N GLN A 405 -26.91 31.65 -19.34
CA GLN A 405 -26.79 32.78 -20.26
C GLN A 405 -25.34 33.24 -20.39
N ASN A 406 -24.53 33.03 -19.34
CA ASN A 406 -23.14 33.46 -19.32
C ASN A 406 -22.26 32.54 -20.16
N ILE A 407 -22.25 31.24 -19.86
CA ILE A 407 -21.34 30.32 -20.55
C ILE A 407 -21.98 29.68 -21.77
N GLY A 408 -23.29 29.83 -21.95
CA GLY A 408 -24.02 29.16 -23.01
C GLY A 408 -23.53 29.41 -24.42
N PRO A 409 -23.40 30.67 -24.82
CA PRO A 409 -22.92 30.95 -26.19
C PRO A 409 -21.56 30.32 -26.48
N GLY A 410 -20.64 30.36 -25.51
CA GLY A 410 -19.34 29.72 -25.72
C GLY A 410 -19.43 28.22 -25.92
N ILE A 411 -20.25 27.54 -25.10
CA ILE A 411 -20.48 26.10 -25.26
C ILE A 411 -21.02 25.79 -26.66
N GLU A 412 -22.01 26.56 -27.11
CA GLU A 412 -22.55 26.37 -28.45
C GLU A 412 -21.46 26.41 -29.51
N LYS A 413 -20.53 27.37 -29.42
CA LYS A 413 -19.47 27.47 -30.43
C LYS A 413 -18.54 26.25 -30.37
N MET A 414 -18.22 25.77 -29.17
CA MET A 414 -17.34 24.61 -29.07
C MET A 414 -18.05 23.35 -29.53
N ALA A 415 -19.34 23.20 -29.22
CA ALA A 415 -20.09 22.04 -29.70
C ALA A 415 -20.17 22.05 -31.23
N GLU A 416 -20.41 23.22 -31.82
CA GLU A 416 -20.37 23.36 -33.28
C GLU A 416 -19.04 22.87 -33.85
N ALA A 417 -17.93 23.31 -33.25
CA ALA A 417 -16.61 22.92 -33.74
C ALA A 417 -16.36 21.42 -33.60
N GLU A 418 -16.92 20.79 -32.56
CA GLU A 418 -16.85 19.34 -32.42
C GLU A 418 -17.93 18.62 -33.22
N GLU A 419 -18.72 19.37 -33.99
CA GLU A 419 -19.81 18.82 -34.82
C GLU A 419 -20.77 17.96 -33.99
N LEU A 420 -21.17 18.48 -32.83
CA LEU A 420 -22.09 17.80 -31.92
C LEU A 420 -23.34 18.66 -31.75
N PHE A 421 -24.26 18.53 -32.69
CA PHE A 421 -25.41 19.43 -32.75
C PHE A 421 -26.34 19.27 -31.55
N ALA A 422 -26.53 18.03 -31.07
CA ALA A 422 -27.40 17.85 -29.90
C ALA A 422 -26.79 18.49 -28.66
N HIS A 423 -25.45 18.48 -28.55
CA HIS A 423 -24.80 19.19 -27.46
C HIS A 423 -25.10 20.68 -27.52
N LYS A 424 -25.01 21.27 -28.72
CA LYS A 424 -25.35 22.66 -28.91
C LYS A 424 -26.83 22.92 -28.60
N HIS A 425 -27.70 22.02 -29.04
CA HIS A 425 -29.14 22.26 -28.89
C HIS A 425 -29.56 22.19 -27.42
N ALA A 426 -28.88 21.39 -26.60
CA ALA A 426 -29.24 21.31 -25.18
C ALA A 426 -29.03 22.64 -24.47
N VAL A 427 -28.04 23.42 -24.93
CA VAL A 427 -27.88 24.80 -24.45
C VAL A 427 -28.93 25.71 -25.08
N SER A 428 -29.12 25.58 -26.39
CA SER A 428 -30.00 26.49 -27.12
CA SER A 428 -30.01 26.47 -27.13
C SER A 428 -31.42 26.51 -26.54
N VAL A 429 -31.95 25.35 -26.14
CA VAL A 429 -33.32 25.33 -25.64
C VAL A 429 -33.44 26.09 -24.30
N ARG A 430 -32.39 26.06 -23.47
CA ARG A 430 -32.43 26.86 -22.25
C ARG A 430 -32.40 28.35 -22.57
N LEU A 431 -31.49 28.76 -23.45
CA LEU A 431 -31.38 30.19 -23.77
C LEU A 431 -32.67 30.73 -24.39
N LYS A 432 -33.26 29.98 -25.32
CA LYS A 432 -34.50 30.46 -25.95
C LYS A 432 -35.64 30.53 -24.94
N SER A 433 -35.64 29.63 -23.94
CA SER A 433 -36.69 29.64 -22.92
C SER A 433 -36.63 30.89 -22.07
N LEU A 434 -35.41 31.31 -21.67
CA LEU A 434 -35.25 32.54 -20.89
C LEU A 434 -35.47 33.78 -21.77
N ASN A 435 -35.03 33.72 -23.04
CA ASN A 435 -35.27 34.83 -23.94
C ASN A 435 -36.76 34.97 -24.26
N SER A 436 -37.47 33.86 -24.38
CA SER A 436 -38.92 33.88 -24.55
C SER A 436 -39.59 34.35 -23.26
#